data_5ZQQ
#
_entry.id   5ZQQ
#
_cell.length_a   66.705
_cell.length_b   66.705
_cell.length_c   118.688
_cell.angle_alpha   90.00
_cell.angle_beta   90.00
_cell.angle_gamma   90.00
#
_symmetry.space_group_name_H-M   'P 41 21 2'
#
loop_
_entity.id
_entity.type
_entity.pdbx_description
1 polymer Tankyrase-2
2 polymer Tankyrase-2
3 non-polymer 'ZINC ION'
4 non-polymer "1-methyl-1'-(4-oxo-3,4,5,6,7,8-hexahydroquinazolin-2-yl)spiro[indole-3,4'-piperidin]-2(1H)-one"
5 non-polymer 'PHOSPHATE ION'
6 non-polymer GLYCEROL
7 water water
#
loop_
_entity_poly.entity_id
_entity_poly.type
_entity_poly.pdbx_seq_one_letter_code
_entity_poly.pdbx_strand_id
1 'polypeptide(L)'
;NTSGSGTILIDLSPDDKEFQSVEEEMQSTVREHRDGGHAGGIFNRYNILKIQKVCNKKLWERYTHRRKEVSEENHNHANE
RMLFHGSPFVNAIIHKGFDERHAYIGGMFGAGIYFAENSSKSNQYVYGIGGGTGCPVHKDRSCYICHRQLLFCRVTLGKS
FLQFSAMK
;
A
2 'polypeptide(L)' MAHSPPGHHSVTGRPSVNGLALAEYVIYRGEQAYPEYLITYQIMRPEG B
#
loop_
_chem_comp.id
_chem_comp.type
_chem_comp.name
_chem_comp.formula
9H6 non-polymer 1-methyl-1'-(4-oxo-3,4,5,6,7,8-hexahydroquinazolin-2-yl)spiro[indole-3,4'-piperidin]-2(1H)-one 'C21 H24 N4 O2'
GOL non-polymer GLYCEROL 'C3 H8 O3'
PO4 non-polymer 'PHOSPHATE ION' 'O4 P -3'
ZN non-polymer 'ZINC ION' 'Zn 2'
#
# COMPACT_ATOMS: atom_id res chain seq x y z
N GLY A 6 -11.78 17.99 5.58
CA GLY A 6 -11.34 17.35 6.80
C GLY A 6 -9.88 16.90 6.86
N THR A 7 -9.26 16.62 5.72
CA THR A 7 -7.89 16.11 5.74
C THR A 7 -6.87 17.26 5.79
N ILE A 8 -5.94 17.16 6.73
CA ILE A 8 -4.77 18.03 6.85
C ILE A 8 -3.54 17.20 6.52
N LEU A 9 -2.62 17.74 5.73
CA LEU A 9 -1.36 17.08 5.39
C LEU A 9 -0.20 17.84 6.00
N ILE A 10 0.55 17.19 6.90
CA ILE A 10 1.63 17.82 7.64
C ILE A 10 2.96 17.35 7.07
N ASP A 11 3.72 18.29 6.52
CA ASP A 11 5.06 17.99 6.02
C ASP A 11 6.00 17.58 7.14
N LEU A 12 6.65 16.45 6.97
CA LEU A 12 7.75 16.10 7.85
C LEU A 12 9.06 16.64 7.31
N SER A 13 9.91 17.04 8.21
CA SER A 13 11.24 17.49 7.86
C SER A 13 12.16 16.28 7.64
N PRO A 14 13.06 16.34 6.65
CA PRO A 14 14.03 15.25 6.48
C PRO A 14 14.89 14.99 7.71
N ASP A 15 15.02 15.99 8.58
CA ASP A 15 15.76 15.83 9.83
C ASP A 15 14.92 15.20 10.93
N ASP A 16 13.63 15.00 10.70
CA ASP A 16 12.75 14.39 11.70
C ASP A 16 12.95 12.87 11.69
N LYS A 17 13.00 12.28 12.88
CA LYS A 17 13.18 10.83 13.00
C LYS A 17 12.06 10.07 12.31
N GLU A 18 10.86 10.65 12.25
CA GLU A 18 9.71 9.97 11.66
C GLU A 18 9.81 9.94 10.13
N PHE A 19 10.31 11.02 9.53
CA PHE A 19 10.63 11.01 8.11
C PHE A 19 11.60 9.88 7.76
N GLN A 20 12.69 9.77 8.54
CA GLN A 20 13.77 8.86 8.21
C GLN A 20 13.36 7.39 8.34
N SER A 21 12.54 7.06 9.33
CA SER A 21 12.11 5.66 9.45
C SER A 21 11.12 5.29 8.35
N VAL A 22 10.29 6.25 7.91
CA VAL A 22 9.39 5.95 6.81
C VAL A 22 10.16 5.82 5.50
N GLU A 23 11.14 6.71 5.26
CA GLU A 23 11.98 6.53 4.08
C GLU A 23 12.67 5.16 4.08
N GLU A 24 13.20 4.74 5.24
CA GLU A 24 13.92 3.47 5.27
C GLU A 24 12.98 2.30 5.02
N GLU A 25 11.70 2.41 5.38
CA GLU A 25 10.76 1.35 5.02
C GLU A 25 10.55 1.33 3.51
N MET A 26 10.42 2.50 2.88
CA MET A 26 10.35 2.56 1.42
C MET A 26 11.56 1.87 0.80
N GLN A 27 12.76 2.27 1.21
CA GLN A 27 13.98 1.89 0.53
C GLN A 27 14.31 0.42 0.76
N SER A 28 14.15 -0.08 1.99
CA SER A 28 14.56 -1.44 2.33
C SER A 28 13.64 -2.53 1.79
N THR A 29 12.45 -2.19 1.28
CA THR A 29 11.53 -3.18 0.75
C THR A 29 11.43 -3.15 -0.77
N VAL A 30 12.36 -2.46 -1.44
CA VAL A 30 12.51 -2.60 -2.89
C VAL A 30 12.99 -4.00 -3.23
N ARG A 31 12.43 -4.60 -4.28
CA ARG A 31 12.93 -5.86 -4.79
C ARG A 31 12.85 -5.84 -6.30
N GLU A 32 13.55 -6.80 -6.91
CA GLU A 32 13.38 -7.05 -8.32
C GLU A 32 12.09 -7.80 -8.57
N HIS A 33 11.48 -7.54 -9.72
CA HIS A 33 10.21 -8.16 -10.08
C HIS A 33 10.38 -9.06 -11.29
N ARG A 34 9.56 -10.09 -11.33
CA ARG A 34 9.69 -11.08 -12.39
C ARG A 34 9.27 -10.53 -13.76
N ASP A 35 8.67 -9.34 -13.83
CA ASP A 35 8.40 -8.70 -15.11
C ASP A 35 9.57 -7.86 -15.61
N GLY A 36 10.73 -7.95 -14.95
CA GLY A 36 11.89 -7.21 -15.38
C GLY A 36 11.79 -5.71 -15.26
N GLY A 37 10.81 -5.21 -14.52
CA GLY A 37 10.56 -3.78 -14.45
C GLY A 37 9.48 -3.30 -15.38
N HIS A 38 8.80 -4.21 -16.09
CA HIS A 38 7.89 -3.78 -17.14
C HIS A 38 6.80 -2.87 -16.58
N ALA A 39 6.15 -3.29 -15.49
CA ALA A 39 5.02 -2.53 -14.96
C ALA A 39 5.43 -1.35 -14.08
N GLY A 40 6.53 -1.46 -13.34
CA GLY A 40 6.86 -0.45 -12.34
C GLY A 40 8.08 0.38 -12.67
N GLY A 41 8.87 -0.04 -13.65
CA GLY A 41 10.12 0.60 -13.98
C GLY A 41 11.33 -0.15 -13.43
N ILE A 42 12.49 0.23 -13.92
CA ILE A 42 13.73 -0.43 -13.53
C ILE A 42 14.45 0.46 -12.53
N PHE A 43 14.59 -0.02 -11.29
CA PHE A 43 15.22 0.76 -10.24
C PHE A 43 15.62 -0.16 -9.10
N ASN A 44 16.60 0.29 -8.33
CA ASN A 44 16.98 -0.36 -7.07
C ASN A 44 16.63 0.47 -5.85
N ARG A 45 16.28 1.74 -6.02
CA ARG A 45 16.01 2.62 -4.89
C ARG A 45 15.31 3.87 -5.38
N TYR A 46 14.83 4.67 -4.44
CA TYR A 46 14.02 5.84 -4.75
C TYR A 46 14.77 7.11 -4.38
N ASN A 47 14.36 8.20 -5.03
CA ASN A 47 14.62 9.54 -4.52
C ASN A 47 13.35 10.01 -3.81
N ILE A 48 13.40 10.06 -2.47
CA ILE A 48 12.25 10.47 -1.67
C ILE A 48 12.26 11.99 -1.55
N LEU A 49 11.23 12.63 -2.12
CA LEU A 49 11.14 14.08 -2.15
C LEU A 49 10.32 14.65 -1.00
N LYS A 50 9.27 13.98 -0.57
CA LYS A 50 8.43 14.56 0.47
C LYS A 50 7.67 13.44 1.15
N ILE A 51 7.50 13.58 2.47
CA ILE A 51 6.69 12.66 3.26
C ILE A 51 5.76 13.49 4.12
N GLN A 52 4.45 13.31 3.94
CA GLN A 52 3.44 14.05 4.67
C GLN A 52 2.62 13.09 5.53
N LYS A 53 2.29 13.56 6.73
CA LYS A 53 1.41 12.85 7.65
C LYS A 53 -0.03 13.23 7.34
N VAL A 54 -0.90 12.22 7.21
CA VAL A 54 -2.28 12.44 6.80
C VAL A 54 -3.16 12.47 8.05
N CYS A 55 -3.80 13.61 8.30
CA CYS A 55 -4.56 13.83 9.54
C CYS A 55 -6.03 14.10 9.23
N ASN A 56 -6.89 13.21 9.69
CA ASN A 56 -8.32 13.33 9.46
C ASN A 56 -9.01 12.64 10.63
N LYS A 57 -9.63 13.45 11.49
CA LYS A 57 -10.19 12.92 12.73
C LYS A 57 -11.30 11.91 12.46
N LYS A 58 -12.20 12.23 11.53
CA LYS A 58 -13.29 11.32 11.21
C LYS A 58 -12.77 9.99 10.69
N LEU A 59 -11.91 10.01 9.68
CA LEU A 59 -11.37 8.77 9.13
C LEU A 59 -10.62 7.99 10.18
N TRP A 60 -9.88 8.68 11.05
CA TRP A 60 -9.09 7.97 12.07
C TRP A 60 -10.00 7.27 13.05
N GLU A 61 -11.07 7.94 13.49
CA GLU A 61 -12.01 7.31 14.42
C GLU A 61 -12.78 6.18 13.74
N ARG A 62 -13.06 6.31 12.44
CA ARG A 62 -13.58 5.16 11.69
C ARG A 62 -12.63 3.97 11.79
N TYR A 63 -11.33 4.22 11.64
CA TYR A 63 -10.35 3.13 11.69
C TYR A 63 -10.29 2.51 13.09
N THR A 64 -10.16 3.33 14.13
CA THR A 64 -9.95 2.77 15.45
C THR A 64 -11.20 2.09 15.98
N HIS A 65 -12.39 2.53 15.55
CA HIS A 65 -13.62 1.86 15.96
C HIS A 65 -13.68 0.44 15.40
N ARG A 66 -13.33 0.25 14.13
CA ARG A 66 -13.34 -1.10 13.55
C ARG A 66 -12.20 -1.94 14.11
N ARG A 67 -11.05 -1.32 14.38
CA ARG A 67 -9.91 -2.05 14.92
C ARG A 67 -10.27 -2.70 16.25
N LYS A 68 -11.10 -2.03 17.05
CA LYS A 68 -11.49 -2.56 18.34
C LYS A 68 -12.46 -3.73 18.19
N GLU A 69 -13.38 -3.67 17.21
CA GLU A 69 -14.26 -4.80 16.93
C GLU A 69 -13.45 -6.02 16.48
N VAL A 70 -12.52 -5.81 15.55
CA VAL A 70 -11.69 -6.91 15.06
C VAL A 70 -10.88 -7.51 16.20
N SER A 71 -10.24 -6.63 16.98
CA SER A 71 -9.41 -7.07 18.08
C SER A 71 -10.19 -7.97 19.02
N GLU A 72 -11.43 -7.60 19.34
CA GLU A 72 -12.24 -8.38 20.26
C GLU A 72 -12.74 -9.69 19.66
N GLU A 73 -12.83 -9.79 18.33
CA GLU A 73 -13.13 -11.07 17.70
C GLU A 73 -11.90 -11.93 17.45
N ASN A 74 -10.70 -11.47 17.82
CA ASN A 74 -9.45 -12.18 17.51
C ASN A 74 -8.54 -12.22 18.74
N HIS A 75 -9.08 -12.74 19.83
CA HIS A 75 -8.38 -12.89 21.13
C HIS A 75 -7.58 -11.64 21.49
N ASN A 76 -8.22 -10.48 21.34
CA ASN A 76 -7.64 -9.19 21.72
C ASN A 76 -6.38 -8.89 20.90
N HIS A 77 -6.43 -9.19 19.61
CA HIS A 77 -5.27 -8.98 18.74
C HIS A 77 -5.74 -8.38 17.43
N ALA A 78 -5.56 -7.06 17.27
CA ALA A 78 -5.89 -6.41 16.01
C ALA A 78 -5.05 -6.94 14.85
N ASN A 79 -3.81 -7.36 15.11
CA ASN A 79 -2.89 -7.77 14.05
C ASN A 79 -2.71 -6.61 13.06
N GLU A 80 -2.26 -5.49 13.62
CA GLU A 80 -2.11 -4.25 12.88
C GLU A 80 -0.74 -4.20 12.21
N ARG A 81 -0.72 -3.93 10.91
CA ARG A 81 0.52 -3.79 10.15
C ARG A 81 0.62 -2.40 9.54
N MET A 82 1.82 -2.05 9.07
CA MET A 82 2.02 -0.89 8.23
C MET A 82 2.41 -1.39 6.83
N LEU A 83 1.60 -1.02 5.83
CA LEU A 83 1.69 -1.63 4.50
C LEU A 83 1.58 -0.53 3.44
N PHE A 84 2.12 -0.81 2.26
CA PHE A 84 2.10 0.15 1.16
C PHE A 84 0.87 -0.05 0.29
N HIS A 85 0.45 1.02 -0.37
CA HIS A 85 -0.68 0.97 -1.27
C HIS A 85 -0.45 1.98 -2.39
N GLY A 86 -0.39 1.50 -3.63
CA GLY A 86 -0.30 2.37 -4.79
C GLY A 86 -1.63 2.38 -5.53
N SER A 87 -2.00 3.55 -6.04
CA SER A 87 -3.27 3.66 -6.73
C SER A 87 -3.29 4.96 -7.50
N PRO A 88 -4.00 5.01 -8.64
CA PRO A 88 -4.32 6.31 -9.25
C PRO A 88 -5.23 7.17 -8.39
N PHE A 89 -5.89 6.61 -7.37
CA PHE A 89 -6.90 7.34 -6.62
C PHE A 89 -6.38 7.81 -5.28
N VAL A 90 -5.05 7.92 -5.14
CA VAL A 90 -4.43 8.33 -3.89
C VAL A 90 -5.08 9.61 -3.34
N ASN A 91 -5.46 10.54 -4.21
CA ASN A 91 -6.00 11.80 -3.71
C ASN A 91 -7.40 11.62 -3.12
N ALA A 92 -8.25 10.84 -3.79
CA ALA A 92 -9.54 10.50 -3.19
C ALA A 92 -9.36 9.75 -1.89
N ILE A 93 -8.36 8.87 -1.81
CA ILE A 93 -8.19 8.05 -0.62
C ILE A 93 -7.89 8.90 0.60
N ILE A 94 -7.01 9.90 0.45
CA ILE A 94 -6.58 10.66 1.62
C ILE A 94 -7.66 11.61 2.11
N HIS A 95 -8.64 11.96 1.27
CA HIS A 95 -9.72 12.84 1.71
C HIS A 95 -10.98 12.11 2.12
N LYS A 96 -11.24 10.93 1.53
CA LYS A 96 -12.49 10.23 1.75
C LYS A 96 -12.31 8.82 2.33
N GLY A 97 -11.09 8.33 2.40
CA GLY A 97 -10.83 7.01 2.96
C GLY A 97 -11.01 5.92 1.93
N PHE A 98 -10.61 4.71 2.34
CA PHE A 98 -10.84 3.53 1.51
C PHE A 98 -12.30 3.11 1.59
N ASP A 99 -12.88 2.75 0.44
CA ASP A 99 -14.20 2.13 0.38
C ASP A 99 -14.19 1.11 -0.76
N GLU A 100 -15.36 0.59 -1.14
CA GLU A 100 -15.43 -0.45 -2.15
C GLU A 100 -15.07 0.03 -3.55
N ARG A 101 -15.01 1.34 -3.80
CA ARG A 101 -14.54 1.82 -5.09
C ARG A 101 -13.02 1.72 -5.21
N HIS A 102 -12.32 1.34 -4.14
CA HIS A 102 -10.88 1.11 -4.17
C HIS A 102 -10.54 -0.37 -4.17
N ALA A 103 -11.52 -1.22 -4.46
CA ALA A 103 -11.32 -2.67 -4.47
C ALA A 103 -10.95 -3.15 -5.87
N TYR A 104 -9.97 -4.05 -5.91
CA TYR A 104 -9.39 -4.61 -7.13
C TYR A 104 -10.22 -5.85 -7.48
N ILE A 105 -11.09 -5.73 -8.49
CA ILE A 105 -11.96 -6.83 -8.83
C ILE A 105 -11.16 -8.01 -9.36
N GLY A 106 -10.21 -7.73 -10.25
CA GLY A 106 -9.41 -8.78 -10.85
C GLY A 106 -8.24 -9.19 -9.98
N GLY A 107 -8.33 -8.92 -8.68
CA GLY A 107 -7.25 -9.27 -7.78
C GLY A 107 -7.16 -10.76 -7.55
N MET A 108 -5.99 -11.18 -7.09
CA MET A 108 -5.73 -12.61 -6.99
C MET A 108 -6.47 -13.28 -5.85
N PHE A 109 -6.87 -12.55 -4.82
CA PHE A 109 -7.60 -13.12 -3.68
C PHE A 109 -8.99 -12.52 -3.58
N GLY A 110 -9.59 -12.16 -4.70
CA GLY A 110 -10.95 -11.63 -4.69
C GLY A 110 -10.98 -10.11 -4.70
N ALA A 111 -12.21 -9.60 -4.73
CA ALA A 111 -12.49 -8.17 -4.82
C ALA A 111 -12.33 -7.55 -3.44
N GLY A 112 -11.11 -7.15 -3.12
CA GLY A 112 -10.84 -6.44 -1.89
C GLY A 112 -9.85 -5.33 -2.13
N ILE A 113 -9.33 -4.72 -1.06
CA ILE A 113 -8.32 -3.67 -1.17
C ILE A 113 -6.98 -4.28 -0.82
N TYR A 114 -6.00 -4.10 -1.69
CA TYR A 114 -4.72 -4.81 -1.63
C TYR A 114 -3.61 -3.91 -1.09
N PHE A 115 -2.72 -4.50 -0.30
CA PHE A 115 -1.56 -3.82 0.27
C PHE A 115 -0.34 -4.72 0.09
N ALA A 116 0.84 -4.11 0.12
CA ALA A 116 2.09 -4.87 -0.07
C ALA A 116 3.10 -4.53 1.01
N GLU A 117 3.89 -5.53 1.40
CA GLU A 117 5.04 -5.24 2.21
C GLU A 117 6.18 -4.68 1.37
N ASN A 118 6.29 -5.09 0.11
CA ASN A 118 7.28 -4.55 -0.82
C ASN A 118 6.77 -3.22 -1.38
N SER A 119 7.46 -2.12 -1.06
CA SER A 119 7.12 -0.85 -1.68
C SER A 119 7.12 -0.95 -3.20
N SER A 120 8.09 -1.68 -3.77
CA SER A 120 8.19 -1.73 -5.22
C SER A 120 7.02 -2.48 -5.85
N LYS A 121 6.32 -3.32 -5.07
CA LYS A 121 5.10 -3.94 -5.56
C LYS A 121 3.99 -2.91 -5.69
N SER A 122 3.78 -2.09 -4.67
CA SER A 122 2.75 -1.07 -4.76
C SER A 122 3.12 -0.03 -5.81
N ASN A 123 4.42 0.16 -6.09
CA ASN A 123 4.82 1.11 -7.12
C ASN A 123 4.31 0.71 -8.49
N GLN A 124 4.10 -0.59 -8.72
CA GLN A 124 3.57 -1.09 -9.99
C GLN A 124 2.15 -0.61 -10.28
N TYR A 125 1.44 -0.06 -9.30
CA TYR A 125 0.04 0.33 -9.49
C TYR A 125 -0.19 1.84 -9.38
N VAL A 126 0.88 2.66 -9.27
CA VAL A 126 0.64 4.10 -9.14
C VAL A 126 0.01 4.63 -10.41
N TYR A 127 0.41 4.11 -11.57
CA TYR A 127 -0.16 4.51 -12.84
C TYR A 127 -1.21 3.52 -13.34
N GLY A 128 -1.73 2.66 -12.48
CA GLY A 128 -2.84 1.79 -12.84
C GLY A 128 -2.44 0.32 -12.90
N ILE A 129 -3.42 -0.49 -13.30
CA ILE A 129 -3.24 -1.93 -13.33
C ILE A 129 -2.05 -2.28 -14.23
N GLY A 130 -1.07 -2.97 -13.66
CA GLY A 130 0.08 -3.33 -14.44
C GLY A 130 0.91 -2.17 -14.90
N GLY A 131 0.80 -1.03 -14.20
CA GLY A 131 1.47 0.18 -14.60
C GLY A 131 0.72 1.01 -15.63
N GLY A 132 -0.43 0.55 -16.10
CA GLY A 132 -1.19 1.30 -17.10
C GLY A 132 -0.34 1.64 -18.31
N THR A 133 -0.46 2.88 -18.77
CA THR A 133 0.38 3.41 -19.84
C THR A 133 1.55 4.24 -19.31
N GLY A 134 1.91 4.07 -18.04
CA GLY A 134 2.99 4.84 -17.47
C GLY A 134 2.55 6.27 -17.14
N CYS A 135 3.56 7.13 -16.94
CA CYS A 135 3.29 8.47 -16.44
C CYS A 135 2.43 9.24 -17.43
N PRO A 136 1.60 10.17 -16.94
CA PRO A 136 0.80 11.01 -17.85
C PRO A 136 1.62 11.79 -18.87
N VAL A 137 2.83 12.26 -18.50
CA VAL A 137 3.51 13.20 -19.38
C VAL A 137 4.25 12.48 -20.50
N HIS A 138 4.95 11.39 -20.20
CA HIS A 138 5.78 10.71 -21.18
C HIS A 138 5.25 9.34 -21.58
N LYS A 139 4.16 8.87 -20.97
CA LYS A 139 3.65 7.51 -21.20
C LYS A 139 4.74 6.48 -20.95
N ASP A 140 5.47 6.65 -19.85
CA ASP A 140 6.66 5.87 -19.59
C ASP A 140 6.50 5.19 -18.24
N ARG A 141 6.29 3.86 -18.27
CA ARG A 141 6.14 3.13 -17.02
C ARG A 141 7.44 3.16 -16.20
N SER A 142 8.57 3.46 -16.84
CA SER A 142 9.85 3.58 -16.13
C SER A 142 10.32 5.02 -15.99
N CYS A 143 9.41 6.00 -16.07
CA CYS A 143 9.82 7.40 -16.03
C CYS A 143 10.64 7.69 -14.78
N TYR A 144 11.83 8.26 -14.98
CA TYR A 144 12.68 8.69 -13.89
C TYR A 144 12.52 10.17 -13.55
N ILE A 145 11.65 10.89 -14.28
CA ILE A 145 11.49 12.34 -14.16
C ILE A 145 10.26 12.64 -13.31
N CYS A 146 9.11 12.11 -13.72
CA CYS A 146 7.85 12.49 -13.11
C CYS A 146 7.77 12.04 -11.66
N HIS A 147 7.13 12.86 -10.83
CA HIS A 147 6.97 12.53 -9.43
C HIS A 147 5.84 11.54 -9.24
N ARG A 148 6.06 10.55 -8.37
CA ARG A 148 5.06 9.56 -8.04
C ARG A 148 4.65 9.70 -6.58
N GLN A 149 3.51 9.13 -6.25
CA GLN A 149 3.01 9.11 -4.88
C GLN A 149 2.57 7.70 -4.48
N LEU A 150 2.97 7.30 -3.27
CA LEU A 150 2.54 6.08 -2.60
C LEU A 150 1.91 6.41 -1.25
N LEU A 151 1.06 5.51 -0.77
CA LEU A 151 0.54 5.58 0.60
C LEU A 151 1.19 4.51 1.47
N PHE A 152 1.63 4.91 2.67
CA PHE A 152 2.08 3.96 3.69
C PHE A 152 0.95 3.91 4.73
N CYS A 153 0.31 2.75 4.85
CA CYS A 153 -0.99 2.69 5.52
C CYS A 153 -0.94 1.83 6.77
N ARG A 154 -1.82 2.19 7.72
CA ARG A 154 -2.07 1.42 8.93
C ARG A 154 -3.24 0.49 8.65
N VAL A 155 -3.04 -0.83 8.84
CA VAL A 155 -3.99 -1.84 8.33
C VAL A 155 -4.27 -2.89 9.39
N THR A 156 -5.55 -3.12 9.67
CA THR A 156 -5.97 -4.14 10.63
C THR A 156 -6.28 -5.45 9.91
N LEU A 157 -5.49 -6.50 10.19
CA LEU A 157 -5.66 -7.79 9.54
C LEU A 157 -6.50 -8.77 10.35
N GLY A 158 -6.58 -8.60 11.67
CA GLY A 158 -7.27 -9.56 12.51
C GLY A 158 -6.86 -10.98 12.20
N LYS A 159 -7.83 -11.88 12.26
CA LYS A 159 -7.59 -13.27 11.87
C LYS A 159 -7.43 -13.34 10.35
N SER A 160 -6.22 -13.64 9.87
CA SER A 160 -5.92 -13.57 8.46
C SER A 160 -5.85 -14.97 7.86
N PHE A 161 -6.52 -15.14 6.74
CA PHE A 161 -6.57 -16.42 6.04
C PHE A 161 -5.30 -16.58 5.21
N LEU A 162 -4.57 -17.66 5.42
CA LEU A 162 -3.29 -17.86 4.76
C LEU A 162 -3.49 -18.52 3.41
N GLN A 163 -3.07 -17.85 2.35
CA GLN A 163 -3.14 -18.39 1.00
C GLN A 163 -1.72 -18.57 0.48
N PHE A 164 -1.39 -19.78 0.06
CA PHE A 164 -0.07 -20.06 -0.51
C PHE A 164 -0.19 -19.93 -2.03
N SER A 165 0.15 -18.76 -2.55
CA SER A 165 0.02 -18.48 -3.96
C SER A 165 1.36 -18.67 -4.66
N ALA A 166 1.29 -19.11 -5.92
CA ALA A 166 2.50 -19.32 -6.71
C ALA A 166 3.12 -17.99 -7.11
N MET A 167 3.50 -17.18 -6.12
CA MET A 167 4.03 -15.84 -6.37
C MET A 167 5.47 -15.68 -5.88
N MET B 1 -18.00 -5.44 -3.25
CA MET B 1 -16.87 -6.14 -2.64
C MET B 1 -17.23 -7.56 -2.20
N ALA B 2 -16.21 -8.41 -2.11
CA ALA B 2 -16.36 -9.75 -1.59
C ALA B 2 -16.21 -9.73 -0.07
N HIS B 3 -16.33 -10.89 0.55
CA HIS B 3 -16.15 -11.03 1.99
C HIS B 3 -14.87 -11.80 2.25
N SER B 4 -14.26 -11.52 3.41
CA SER B 4 -13.19 -12.38 3.88
C SER B 4 -13.77 -13.75 4.23
N PRO B 5 -12.97 -14.81 4.16
CA PRO B 5 -13.48 -16.16 4.47
C PRO B 5 -14.12 -16.18 5.84
N PRO B 6 -15.16 -17.00 6.04
CA PRO B 6 -15.89 -16.98 7.32
C PRO B 6 -14.93 -17.12 8.50
N GLY B 7 -15.15 -16.29 9.52
CA GLY B 7 -14.29 -16.29 10.68
C GLY B 7 -12.97 -15.59 10.51
N HIS B 8 -12.74 -14.92 9.39
CA HIS B 8 -11.50 -14.19 9.12
C HIS B 8 -11.81 -12.72 8.86
N HIS B 9 -10.74 -11.90 8.86
CA HIS B 9 -10.85 -10.46 8.62
C HIS B 9 -9.98 -9.99 7.47
N SER B 10 -9.19 -10.88 6.88
CA SER B 10 -8.28 -10.50 5.80
C SER B 10 -7.74 -11.78 5.19
N VAL B 11 -6.96 -11.62 4.13
CA VAL B 11 -6.24 -12.71 3.51
C VAL B 11 -4.79 -12.29 3.39
N THR B 12 -3.89 -13.20 3.73
CA THR B 12 -2.45 -13.06 3.52
C THR B 12 -2.03 -13.91 2.36
N GLY B 13 -1.46 -13.30 1.33
CA GLY B 13 -0.91 -14.06 0.22
C GLY B 13 0.58 -14.27 0.35
N ARG B 14 1.01 -15.48 0.53
CA ARG B 14 2.45 -15.70 0.69
C ARG B 14 3.03 -16.27 -0.59
N PRO B 15 4.19 -15.75 -1.02
CA PRO B 15 4.83 -16.27 -2.23
C PRO B 15 5.42 -17.65 -1.96
N SER B 16 4.98 -18.65 -2.73
CA SER B 16 5.50 -20.00 -2.61
C SER B 16 6.55 -20.34 -3.66
N VAL B 17 6.84 -19.43 -4.59
CA VAL B 17 7.85 -19.63 -5.62
C VAL B 17 9.05 -18.74 -5.35
N ASN B 18 8.88 -17.44 -5.52
CA ASN B 18 9.98 -16.50 -5.34
C ASN B 18 10.26 -16.33 -3.86
N GLY B 19 11.39 -16.88 -3.41
CA GLY B 19 11.78 -16.75 -2.02
C GLY B 19 12.09 -15.34 -1.58
N LEU B 20 12.33 -14.41 -2.53
CA LEU B 20 12.65 -13.03 -2.21
C LEU B 20 11.44 -12.10 -2.09
N ALA B 21 10.28 -12.48 -2.61
CA ALA B 21 9.11 -11.62 -2.50
C ALA B 21 8.55 -11.66 -1.09
N LEU B 22 8.01 -10.52 -0.65
CA LEU B 22 7.31 -10.40 0.62
C LEU B 22 5.81 -10.55 0.40
N ALA B 23 5.06 -10.56 1.50
CA ALA B 23 3.64 -10.85 1.46
C ALA B 23 2.84 -9.69 0.86
N GLU B 24 1.66 -10.03 0.33
CA GLU B 24 0.62 -9.10 -0.06
C GLU B 24 -0.64 -9.43 0.75
N TYR B 25 -1.47 -8.42 1.02
CA TYR B 25 -2.61 -8.62 1.90
C TYR B 25 -3.85 -8.00 1.30
N VAL B 26 -5.00 -8.57 1.63
CA VAL B 26 -6.29 -8.06 1.16
C VAL B 26 -7.19 -7.82 2.37
N ILE B 27 -7.93 -6.71 2.34
CA ILE B 27 -9.04 -6.50 3.28
C ILE B 27 -10.30 -6.24 2.48
N TYR B 28 -11.43 -6.47 3.15
CA TYR B 28 -12.73 -6.33 2.52
C TYR B 28 -13.60 -5.27 3.19
N ARG B 29 -13.04 -4.52 4.14
CA ARG B 29 -13.71 -3.33 4.68
C ARG B 29 -12.72 -2.18 4.65
N GLY B 30 -13.14 -1.07 4.02
CA GLY B 30 -12.26 0.10 3.92
C GLY B 30 -11.93 0.72 5.27
N GLU B 31 -12.80 0.53 6.27
CA GLU B 31 -12.51 1.05 7.60
C GLU B 31 -11.41 0.26 8.32
N GLN B 32 -10.84 -0.76 7.68
CA GLN B 32 -9.73 -1.51 8.26
C GLN B 32 -8.36 -1.02 7.80
N ALA B 33 -8.30 0.08 7.05
CA ALA B 33 -7.03 0.72 6.71
C ALA B 33 -7.15 2.23 6.91
N TYR B 34 -6.05 2.85 7.35
CA TYR B 34 -5.97 4.32 7.44
C TYR B 34 -4.77 4.80 6.62
N PRO B 35 -4.95 5.76 5.72
CA PRO B 35 -3.84 6.18 4.86
C PRO B 35 -2.94 7.19 5.55
N GLU B 36 -1.93 6.73 6.28
CA GLU B 36 -1.30 7.53 7.31
C GLU B 36 -0.16 8.43 6.80
N TYR B 37 0.62 7.97 5.83
CA TYR B 37 1.70 8.75 5.24
C TYR B 37 1.51 8.82 3.74
N LEU B 38 1.65 10.02 3.18
CA LEU B 38 1.65 10.24 1.74
C LEU B 38 3.09 10.53 1.34
N ILE B 39 3.64 9.71 0.46
CA ILE B 39 5.06 9.75 0.09
C ILE B 39 5.20 10.15 -1.37
N THR B 40 5.91 11.26 -1.63
CA THR B 40 6.20 11.71 -3.00
C THR B 40 7.66 11.35 -3.31
N TYR B 41 7.89 10.78 -4.49
CA TYR B 41 9.18 10.18 -4.78
C TYR B 41 9.35 10.04 -6.30
N GLN B 42 10.59 9.79 -6.70
CA GLN B 42 10.96 9.33 -8.02
C GLN B 42 11.68 7.99 -7.87
N ILE B 43 11.53 7.11 -8.87
CA ILE B 43 12.42 5.96 -8.97
C ILE B 43 13.73 6.43 -9.56
N MET B 44 14.82 5.75 -9.24
CA MET B 44 16.15 6.17 -9.64
C MET B 44 16.73 5.22 -10.66
N ARG B 45 17.34 5.78 -11.69
CA ARG B 45 17.95 4.97 -12.73
C ARG B 45 19.19 4.26 -12.19
N PRO B 46 19.28 2.94 -12.31
CA PRO B 46 20.47 2.23 -11.82
C PRO B 46 21.73 2.79 -12.45
N GLU B 47 22.79 2.86 -11.66
CA GLU B 47 24.09 3.31 -12.18
C GLU B 47 24.84 2.12 -12.76
ZN ZN C . 7.15 11.12 -17.06
C10 9H6 D . -6.17 -0.56 -8.51
C11 9H6 D . -7.50 -0.66 -7.77
C14 9H6 D . -9.90 -0.05 -8.02
C15 9H6 D . -7.97 0.40 -9.76
C01 9H6 D . -0.04 -4.15 -4.01
C02 9H6 D . -1.18 -3.52 -4.71
C03 9H6 D . -1.41 -2.09 -4.49
C06 9H6 D . -3.32 -2.35 -5.99
C08 9H6 D . -4.75 -0.33 -6.47
C09 9H6 D . -5.20 0.33 -7.75
C16 9H6 D . -8.57 1.03 -10.82
C17 9H6 D . -7.73 1.38 -11.88
C18 9H6 D . -6.37 1.11 -11.87
C19 9H6 D . -5.76 0.47 -10.80
C20 9H6 D . -6.57 0.12 -9.76
C21 9H6 D . -5.59 -1.95 -8.79
C22 9H6 D . -5.24 -2.61 -7.48
C24 9H6 D . -2.02 -4.23 -5.51
C25 9H6 D . -1.83 -5.72 -5.79
C26 9H6 D . -0.67 -6.38 -5.04
C27 9H6 D . -0.24 -5.64 -3.77
N05 9H6 D . -2.51 -1.54 -5.17
N07 9H6 D . -4.41 -1.77 -6.63
N13 9H6 D . -8.52 -0.07 -8.57
N23 9H6 D . -3.09 -3.66 -6.17
O04 9H6 D . -0.76 -1.32 -3.80
O12 9H6 D . -7.77 -1.14 -6.68
P PO4 E . 6.29 -9.98 -9.48
O1 PO4 E . 7.61 -10.47 -8.92
O2 PO4 E . 6.52 -9.43 -10.87
O3 PO4 E . 5.71 -8.86 -8.63
O4 PO4 E . 5.31 -11.10 -9.50
C1 GOL F . -5.18 12.63 13.07
O1 GOL F . -6.48 12.67 13.64
C2 GOL F . -4.68 11.14 13.09
O2 GOL F . -5.24 10.43 12.11
C3 GOL F . -3.17 11.21 12.84
O3 GOL F . -2.83 9.95 12.39
#